data_9F7G
#
_entry.id   9F7G
#
_cell.length_a   35.030
_cell.length_b   85.221
_cell.length_c   149.056
_cell.angle_alpha   90.000
_cell.angle_beta   90.000
_cell.angle_gamma   90.000
#
_symmetry.space_group_name_H-M   'C 2 2 21'
#
loop_
_entity.id
_entity.type
_entity.pdbx_description
1 polymer 'Ribonuclease D'
2 polymer "DNA (5'-D(P*GP*G)-3')"
3 non-polymer 'SULFATE ION'
4 water water
#
loop_
_entity_poly.entity_id
_entity_poly.type
_entity_poly.pdbx_seq_one_letter_code
_entity_poly.pdbx_strand_id
1 'polypeptide(L)'
;SMTNVQILHGDLSPDLCDLARASELVGWDIETSGLDWRNGQIGTCQLAIGDSVAVVVLGDDDHPQGLCDLLADDGVRKIF
HHAPFDIRFMAQQWDCKPRNLACTKIASKVLNPSAEHATHSLKPLLKATLGVDIDKGQQQSSWTTGVLTAEQMSYAVSDV
VYLSELYSQLRAQCLDKGVLQAVENAYSFLPVWVELQRRGIEDVFAY
;
A
2 'polydeoxyribonucleotide' (DG)(DG) C
#
loop_
_chem_comp.id
_chem_comp.type
_chem_comp.name
_chem_comp.formula
DG DNA linking 2'-DEOXYGUANOSINE-5'-MONOPHOSPHATE 'C10 H14 N5 O7 P'
SO4 non-polymer 'SULFATE ION' 'O4 S -2'
#
# COMPACT_ATOMS: atom_id res chain seq x y z
N THR A 3 -0.85 19.17 -1.77
CA THR A 3 -0.15 18.07 -1.10
C THR A 3 1.07 18.57 -0.36
N ASN A 4 1.10 18.30 0.94
CA ASN A 4 2.18 18.70 1.82
C ASN A 4 3.12 17.51 2.01
N VAL A 5 4.30 17.57 1.41
CA VAL A 5 5.24 16.46 1.41
C VAL A 5 6.25 16.63 2.54
N GLN A 6 6.48 15.55 3.29
CA GLN A 6 7.48 15.51 4.34
C GLN A 6 8.40 14.33 4.10
N ILE A 7 9.68 14.51 4.39
CA ILE A 7 10.68 13.45 4.26
C ILE A 7 11.23 13.15 5.66
N LEU A 8 11.22 11.87 6.02
CA LEU A 8 11.59 11.38 7.34
C LEU A 8 12.56 10.23 7.17
N HIS A 9 13.16 9.78 8.27
CA HIS A 9 13.93 8.56 8.26
C HIS A 9 13.66 7.75 9.52
N GLY A 10 13.73 6.43 9.38
CA GLY A 10 13.70 5.53 10.50
C GLY A 10 12.32 5.15 10.99
N ASP A 11 11.40 6.11 11.05
CA ASP A 11 10.05 5.85 11.52
C ASP A 11 9.17 7.05 11.18
N LEU A 12 7.87 6.82 11.21
CA LEU A 12 6.92 7.91 11.09
C LEU A 12 6.97 8.79 12.35
N SER A 13 6.78 10.09 12.16
CA SER A 13 6.82 11.02 13.28
C SER A 13 5.61 10.84 14.19
N PRO A 14 5.74 11.15 15.49
CA PRO A 14 4.58 10.99 16.38
C PRO A 14 3.38 11.82 15.95
N ASP A 15 3.60 13.02 15.42
CA ASP A 15 2.49 13.84 14.97
C ASP A 15 1.73 13.18 13.84
N LEU A 16 2.44 12.55 12.91
CA LEU A 16 1.76 11.87 11.82
C LEU A 16 1.12 10.57 12.27
N CYS A 17 1.71 9.88 13.25
CA CYS A 17 1.04 8.70 13.81
C CYS A 17 -0.30 9.09 14.43
N ASP A 18 -0.33 10.22 15.15
CA ASP A 18 -1.57 10.68 15.75
C ASP A 18 -2.60 11.05 14.70
N LEU A 19 -2.16 11.77 13.65
CA LEU A 19 -3.08 12.15 12.59
C LEU A 19 -3.63 10.92 11.87
N ALA A 20 -2.80 9.90 11.68
CA ALA A 20 -3.26 8.69 11.02
C ALA A 20 -4.39 8.02 11.81
N ARG A 21 -4.30 8.04 13.14
CA ARG A 21 -5.32 7.40 13.95
C ARG A 21 -6.67 8.12 13.88
N ALA A 22 -6.68 9.38 13.48
CA ALA A 22 -7.92 10.13 13.34
C ALA A 22 -8.39 10.23 11.90
N SER A 23 -7.68 9.61 10.97
CA SER A 23 -7.97 9.77 9.55
C SER A 23 -8.98 8.76 9.07
N GLU A 24 -9.81 9.19 8.11
CA GLU A 24 -10.74 8.25 7.49
C GLU A 24 -9.98 7.12 6.82
N LEU A 25 -9.00 7.46 5.98
CA LEU A 25 -8.22 6.50 5.22
C LEU A 25 -6.76 6.91 5.29
N VAL A 26 -5.88 5.91 5.26
CA VAL A 26 -4.44 6.13 5.19
C VAL A 26 -3.93 5.40 3.96
N GLY A 27 -3.46 6.15 2.96
CA GLY A 27 -2.82 5.52 1.81
C GLY A 27 -1.41 5.07 2.17
N TRP A 28 -1.02 3.91 1.64
CA TRP A 28 0.27 3.32 2.02
C TRP A 28 0.90 2.64 0.82
N ASP A 29 2.20 2.86 0.62
CA ASP A 29 2.98 2.14 -0.37
C ASP A 29 4.39 1.97 0.17
N ILE A 30 5.11 0.99 -0.39
CA ILE A 30 6.52 0.78 -0.04
C ILE A 30 7.35 0.68 -1.30
N GLU A 31 8.65 0.99 -1.16
CA GLU A 31 9.63 0.67 -2.18
C GLU A 31 10.67 -0.24 -1.55
N THR A 32 11.25 -1.12 -2.36
CA THR A 32 12.03 -2.25 -1.83
C THR A 32 13.27 -2.50 -2.68
N SER A 33 14.06 -3.47 -2.21
CA SER A 33 15.21 -3.98 -2.95
C SER A 33 14.83 -4.77 -4.18
N GLY A 34 13.59 -5.24 -4.29
CA GLY A 34 13.21 -6.20 -5.33
C GLY A 34 11.94 -6.90 -4.89
N LEU A 35 11.70 -8.08 -5.47
CA LEU A 35 10.47 -8.81 -5.18
C LEU A 35 10.64 -9.84 -4.07
N ASP A 36 11.81 -9.93 -3.44
CA ASP A 36 12.12 -10.97 -2.46
C ASP A 36 11.66 -10.51 -1.08
N TRP A 37 10.42 -10.84 -0.73
CA TRP A 37 9.89 -10.41 0.55
C TRP A 37 10.51 -11.14 1.73
N ARG A 38 11.11 -12.31 1.49
CA ARG A 38 11.68 -13.09 2.59
C ARG A 38 13.02 -12.54 3.03
N ASN A 39 13.90 -12.27 2.07
CA ASN A 39 15.28 -11.92 2.38
C ASN A 39 15.69 -10.59 1.77
N GLY A 40 14.75 -9.85 1.19
CA GLY A 40 15.01 -8.51 0.69
C GLY A 40 14.88 -7.46 1.76
N GLN A 41 14.70 -6.23 1.33
CA GLN A 41 14.78 -5.09 2.24
C GLN A 41 13.79 -4.02 1.81
N ILE A 42 13.10 -3.42 2.78
CA ILE A 42 12.24 -2.27 2.52
C ILE A 42 13.09 -1.01 2.53
N GLY A 43 12.96 -0.21 1.48
CA GLY A 43 13.71 1.02 1.38
C GLY A 43 12.94 2.23 1.85
N THR A 44 11.66 2.32 1.51
CA THR A 44 10.83 3.43 1.94
C THR A 44 9.44 2.94 2.27
N CYS A 45 8.78 3.68 3.15
CA CYS A 45 7.33 3.64 3.31
C CYS A 45 6.79 5.02 3.00
N GLN A 46 5.77 5.07 2.15
CA GLN A 46 5.12 6.34 1.80
C GLN A 46 3.69 6.28 2.29
N LEU A 47 3.29 7.27 3.09
CA LEU A 47 1.96 7.31 3.66
C LEU A 47 1.25 8.59 3.26
N ALA A 48 -0.03 8.48 2.91
CA ALA A 48 -0.88 9.62 2.60
C ALA A 48 -1.87 9.76 3.74
N ILE A 49 -1.72 10.84 4.52
CA ILE A 49 -2.49 11.07 5.72
C ILE A 49 -3.08 12.47 5.58
N GLY A 50 -4.38 12.55 5.35
CA GLY A 50 -4.98 13.85 5.09
C GLY A 50 -4.37 14.46 3.83
N ASP A 51 -4.01 15.73 3.92
CA ASP A 51 -3.37 16.43 2.82
C ASP A 51 -1.85 16.27 2.83
N SER A 52 -1.33 15.39 3.67
CA SER A 52 0.10 15.18 3.79
C SER A 52 0.51 13.87 3.14
N VAL A 53 1.71 13.86 2.56
CA VAL A 53 2.37 12.62 2.17
C VAL A 53 3.71 12.58 2.89
N ALA A 54 3.94 11.51 3.64
CA ALA A 54 5.18 11.32 4.38
C ALA A 54 5.97 10.19 3.72
N VAL A 55 7.20 10.48 3.33
CA VAL A 55 8.12 9.47 2.80
C VAL A 55 9.12 9.15 3.89
N VAL A 56 9.08 7.93 4.41
CA VAL A 56 9.94 7.49 5.49
C VAL A 56 11.04 6.62 4.88
N VAL A 57 12.28 7.11 4.91
CA VAL A 57 13.42 6.37 4.40
C VAL A 57 13.90 5.40 5.47
N LEU A 58 14.03 4.13 5.10
CA LEU A 58 14.41 3.09 6.05
C LEU A 58 15.77 2.51 5.70
N GLY A 59 16.48 2.03 6.72
CA GLY A 59 17.79 1.47 6.57
C GLY A 59 17.85 -0.01 6.88
N ASP A 60 19.08 -0.54 6.86
CA ASP A 60 19.30 -1.95 7.15
C ASP A 60 18.76 -2.30 8.54
N ASP A 61 17.94 -3.34 8.60
CA ASP A 61 17.43 -3.88 9.87
C ASP A 61 16.63 -2.86 10.66
N ASP A 62 16.00 -1.90 9.98
CA ASP A 62 15.09 -0.99 10.67
C ASP A 62 13.81 -1.74 11.05
N HIS A 63 13.38 -1.56 12.29
CA HIS A 63 12.10 -2.08 12.77
C HIS A 63 11.31 -0.88 13.28
N PRO A 64 10.65 -0.15 12.38
CA PRO A 64 9.97 1.10 12.78
C PRO A 64 8.72 0.84 13.61
N GLN A 65 8.79 1.18 14.91
CA GLN A 65 7.70 0.80 15.80
C GLN A 65 6.42 1.56 15.48
N GLY A 66 6.53 2.85 15.14
CA GLY A 66 5.34 3.62 14.85
C GLY A 66 4.61 3.13 13.62
N LEU A 67 5.37 2.82 12.55
CA LEU A 67 4.76 2.28 11.34
C LEU A 67 4.15 0.91 11.59
N CYS A 68 4.85 0.05 12.34
CA CYS A 68 4.25 -1.26 12.57
CA CYS A 68 4.30 -1.27 12.67
C CYS A 68 3.00 -1.14 13.44
N ASP A 69 3.02 -0.27 14.45
CA ASP A 69 1.82 -0.08 15.27
C ASP A 69 0.65 0.39 14.42
N LEU A 70 0.90 1.30 13.47
CA LEU A 70 -0.15 1.77 12.59
C LEU A 70 -0.66 0.64 11.69
N LEU A 71 0.27 -0.12 11.10
CA LEU A 71 -0.10 -1.24 10.23
C LEU A 71 -0.93 -2.27 10.98
N ALA A 72 -0.59 -2.53 12.24
CA ALA A 72 -1.26 -3.52 13.06
C ALA A 72 -2.53 -3.01 13.72
N ASP A 73 -2.84 -1.73 13.61
CA ASP A 73 -3.95 -1.13 14.34
C ASP A 73 -5.23 -1.36 13.55
N ASP A 74 -6.13 -2.19 14.09
CA ASP A 74 -7.38 -2.48 13.42
C ASP A 74 -8.30 -1.27 13.34
N GLY A 75 -8.03 -0.23 14.13
CA GLY A 75 -8.81 0.98 14.06
C GLY A 75 -8.36 1.98 13.02
N VAL A 76 -7.36 1.64 12.21
CA VAL A 76 -6.85 2.51 11.17
C VAL A 76 -6.99 1.80 9.83
N ARG A 77 -7.76 2.40 8.91
CA ARG A 77 -7.99 1.81 7.60
C ARG A 77 -6.85 2.17 6.65
N LYS A 78 -6.09 1.16 6.22
CA LYS A 78 -4.98 1.36 5.28
C LYS A 78 -5.41 0.97 3.88
N ILE A 79 -5.07 1.81 2.90
CA ILE A 79 -5.35 1.58 1.48
C ILE A 79 -4.03 1.39 0.75
N PHE A 80 -3.89 0.25 0.08
CA PHE A 80 -2.75 -0.05 -0.77
C PHE A 80 -3.21 -0.23 -2.20
N HIS A 81 -2.26 -0.17 -3.13
CA HIS A 81 -2.46 -0.78 -4.44
C HIS A 81 -1.62 -2.04 -4.49
N HIS A 82 -2.30 -3.17 -4.59
CA HIS A 82 -1.71 -4.49 -4.45
C HIS A 82 -1.17 -4.69 -3.03
N ALA A 83 -2.10 -4.60 -2.09
CA ALA A 83 -1.79 -4.85 -0.68
C ALA A 83 -1.02 -6.15 -0.45
N PRO A 84 -1.31 -7.28 -1.11
CA PRO A 84 -0.57 -8.51 -0.81
C PRO A 84 0.93 -8.34 -0.84
N PHE A 85 1.46 -7.65 -1.85
CA PHE A 85 2.91 -7.45 -1.94
C PHE A 85 3.43 -6.67 -0.73
N ASP A 86 2.79 -5.55 -0.44
CA ASP A 86 3.29 -4.66 0.60
C ASP A 86 3.17 -5.29 1.98
N ILE A 87 2.00 -5.86 2.29
CA ILE A 87 1.79 -6.36 3.65
C ILE A 87 2.64 -7.60 3.90
N ARG A 88 2.92 -8.38 2.86
CA ARG A 88 3.79 -9.54 3.06
C ARG A 88 5.22 -9.10 3.34
N PHE A 89 5.69 -8.09 2.60
CA PHE A 89 7.01 -7.54 2.86
C PHE A 89 7.10 -7.00 4.29
N MET A 90 6.10 -6.22 4.71
CA MET A 90 6.17 -5.62 6.03
C MET A 90 5.96 -6.66 7.12
N ALA A 91 5.02 -7.59 6.94
CA ALA A 91 4.78 -8.59 7.97
C ALA A 91 6.03 -9.42 8.21
N GLN A 92 6.70 -9.84 7.14
CA GLN A 92 7.88 -10.68 7.28
C GLN A 92 9.08 -9.88 7.79
N GLN A 93 9.33 -8.70 7.23
CA GLN A 93 10.53 -7.95 7.60
C GLN A 93 10.44 -7.36 9.00
N TRP A 94 9.24 -7.00 9.44
CA TRP A 94 9.05 -6.37 10.74
C TRP A 94 8.44 -7.29 11.78
N ASP A 95 8.05 -8.51 11.41
CA ASP A 95 7.34 -9.41 12.31
C ASP A 95 6.10 -8.70 12.87
N CYS A 96 5.31 -8.17 11.94
CA CYS A 96 4.17 -7.32 12.22
C CYS A 96 2.91 -8.02 11.74
N LYS A 97 1.80 -7.84 12.47
CA LYS A 97 0.52 -8.44 12.10
C LYS A 97 -0.40 -7.39 11.51
N PRO A 98 -0.52 -7.28 10.19
CA PRO A 98 -1.30 -6.18 9.61
C PRO A 98 -2.79 -6.38 9.79
N ARG A 99 -3.51 -5.27 10.03
CA ARG A 99 -4.95 -5.32 10.25
C ARG A 99 -5.64 -4.16 9.54
N ASN A 100 -6.89 -4.40 9.13
CA ASN A 100 -7.76 -3.41 8.49
C ASN A 100 -7.12 -2.87 7.21
N LEU A 101 -7.10 -3.74 6.20
CA LEU A 101 -6.39 -3.52 4.96
C LEU A 101 -7.35 -3.47 3.79
N ALA A 102 -7.05 -2.61 2.82
CA ALA A 102 -7.84 -2.53 1.59
C ALA A 102 -6.90 -2.38 0.41
N CYS A 103 -7.40 -2.75 -0.78
CA CYS A 103 -6.53 -2.90 -1.95
C CYS A 103 -7.27 -2.48 -3.22
N THR A 104 -6.70 -1.51 -3.94
CA THR A 104 -7.31 -1.08 -5.19
C THR A 104 -7.12 -2.12 -6.29
N LYS A 105 -6.08 -2.94 -6.21
CA LYS A 105 -5.89 -3.93 -7.26
C LYS A 105 -6.89 -5.08 -7.11
N ILE A 106 -7.10 -5.54 -5.87
CA ILE A 106 -8.12 -6.55 -5.64
C ILE A 106 -9.49 -6.03 -6.05
N ALA A 107 -9.80 -4.77 -5.72
CA ALA A 107 -11.08 -4.21 -6.14
C ALA A 107 -11.21 -4.24 -7.66
N SER A 108 -10.15 -3.81 -8.35
CA SER A 108 -10.15 -3.81 -9.82
C SER A 108 -10.38 -5.21 -10.37
N LYS A 109 -9.76 -6.22 -9.76
CA LYS A 109 -9.89 -7.59 -10.26
C LYS A 109 -11.28 -8.16 -9.98
N VAL A 110 -11.87 -7.85 -8.82
CA VAL A 110 -13.22 -8.35 -8.56
C VAL A 110 -14.23 -7.66 -9.48
N LEU A 111 -14.02 -6.37 -9.75
CA LEU A 111 -14.91 -5.62 -10.64
C LEU A 111 -14.81 -6.12 -12.08
N ASN A 112 -13.59 -6.35 -12.56
CA ASN A 112 -13.32 -6.67 -13.97
C ASN A 112 -12.40 -7.88 -14.05
N PRO A 113 -12.89 -9.06 -13.64
CA PRO A 113 -11.99 -10.23 -13.54
C PRO A 113 -11.49 -10.73 -14.88
N SER A 114 -12.20 -10.45 -15.97
CA SER A 114 -11.80 -10.94 -17.27
C SER A 114 -11.05 -9.91 -18.10
N ALA A 115 -10.71 -8.76 -17.50
CA ALA A 115 -9.91 -7.77 -18.19
C ALA A 115 -8.49 -8.29 -18.40
N GLU A 116 -7.78 -7.65 -19.32
CA GLU A 116 -6.37 -7.95 -19.50
C GLU A 116 -5.64 -7.64 -18.19
N HIS A 117 -4.67 -8.49 -17.86
CA HIS A 117 -3.99 -8.39 -16.57
C HIS A 117 -3.31 -7.04 -16.38
N ALA A 118 -2.74 -6.49 -17.45
CA ALA A 118 -2.03 -5.23 -17.34
C ALA A 118 -2.93 -4.08 -16.90
N THR A 119 -4.25 -4.16 -17.16
CA THR A 119 -5.13 -3.05 -16.84
C THR A 119 -5.31 -2.87 -15.33
N HIS A 120 -4.92 -3.86 -14.54
CA HIS A 120 -5.04 -3.76 -13.09
C HIS A 120 -3.84 -3.09 -12.46
N SER A 121 -2.82 -2.73 -13.24
CA SER A 121 -1.68 -2.03 -12.67
C SER A 121 -2.05 -0.60 -12.29
N LEU A 122 -1.31 -0.04 -11.33
CA LEU A 122 -1.67 1.27 -10.79
C LEU A 122 -1.70 2.34 -11.88
N LYS A 123 -0.68 2.38 -12.74
CA LYS A 123 -0.62 3.43 -13.76
C LYS A 123 -1.82 3.40 -14.69
N PRO A 124 -2.14 2.30 -15.37
CA PRO A 124 -3.34 2.32 -16.22
C PRO A 124 -4.62 2.50 -15.43
N LEU A 125 -4.70 1.96 -14.21
CA LEU A 125 -5.90 2.10 -13.40
C LEU A 125 -6.15 3.56 -13.01
N LEU A 126 -5.09 4.28 -12.65
CA LEU A 126 -5.24 5.70 -12.35
C LEU A 126 -5.71 6.48 -13.57
N LYS A 127 -5.17 6.16 -14.75
CA LYS A 127 -5.58 6.88 -15.95
C LYS A 127 -7.04 6.59 -16.28
N ALA A 128 -7.45 5.32 -16.19
CA ALA A 128 -8.80 4.94 -16.56
C ALA A 128 -9.84 5.42 -15.55
N THR A 129 -9.48 5.45 -14.27
CA THR A 129 -10.45 5.78 -13.23
C THR A 129 -10.50 7.26 -12.89
N LEU A 130 -9.33 7.91 -12.80
CA LEU A 130 -9.24 9.29 -12.38
C LEU A 130 -8.73 10.24 -13.44
N GLY A 131 -8.29 9.74 -14.60
CA GLY A 131 -7.69 10.63 -15.58
C GLY A 131 -6.33 11.14 -15.17
N VAL A 132 -5.66 10.43 -14.27
CA VAL A 132 -4.38 10.84 -13.71
C VAL A 132 -3.27 10.06 -14.40
N ASP A 133 -2.21 10.76 -14.79
CA ASP A 133 -1.02 10.16 -15.38
C ASP A 133 0.11 10.18 -14.37
N ILE A 134 0.70 9.01 -14.09
CA ILE A 134 1.89 8.92 -13.26
C ILE A 134 3.02 8.30 -14.07
N ASP A 135 4.25 8.65 -13.69
CA ASP A 135 5.47 8.16 -14.32
C ASP A 135 6.11 7.13 -13.39
N LYS A 136 6.23 5.89 -13.87
CA LYS A 136 6.81 4.80 -13.11
C LYS A 136 8.30 4.63 -13.35
N GLY A 137 8.98 5.64 -13.88
CA GLY A 137 10.37 5.47 -14.29
C GLY A 137 11.30 5.09 -13.16
N GLN A 138 11.07 5.62 -11.96
CA GLN A 138 11.93 5.35 -10.81
C GLN A 138 11.54 4.09 -10.04
N GLN A 139 10.57 3.32 -10.54
CA GLN A 139 10.12 2.12 -9.83
C GLN A 139 11.28 1.19 -9.53
N GLN A 140 12.17 0.97 -10.50
CA GLN A 140 13.24 -0.01 -10.41
C GLN A 140 14.59 0.62 -10.11
N SER A 141 14.59 1.78 -9.46
CA SER A 141 15.81 2.39 -8.95
C SER A 141 16.26 1.65 -7.70
N SER A 142 17.33 2.14 -7.07
CA SER A 142 17.85 1.57 -5.82
C SER A 142 17.30 2.35 -4.63
N TRP A 143 16.44 1.70 -3.88
CA TRP A 143 15.66 2.34 -2.84
C TRP A 143 16.21 2.12 -1.44
N THR A 144 17.30 1.37 -1.30
CA THR A 144 17.71 0.87 0.02
C THR A 144 19.04 1.44 0.49
N THR A 145 19.47 2.59 -0.03
CA THR A 145 20.76 3.15 0.35
C THR A 145 20.67 4.19 1.45
N GLY A 146 19.47 4.51 1.94
CA GLY A 146 19.31 5.59 2.90
C GLY A 146 19.33 6.98 2.30
N VAL A 147 19.46 7.09 0.99
CA VAL A 147 19.53 8.36 0.28
C VAL A 147 18.46 8.34 -0.80
N LEU A 148 17.74 9.46 -0.96
CA LEU A 148 16.76 9.61 -2.02
C LEU A 148 17.09 10.79 -2.90
N THR A 149 16.91 10.62 -4.21
CA THR A 149 16.97 11.74 -5.13
C THR A 149 15.62 12.44 -5.17
N ALA A 150 15.62 13.66 -5.71
CA ALA A 150 14.36 14.37 -5.90
C ALA A 150 13.43 13.59 -6.83
N GLU A 151 14.01 12.92 -7.82
CA GLU A 151 13.20 12.12 -8.73
C GLU A 151 12.56 10.94 -8.00
N GLN A 152 13.31 10.31 -7.10
CA GLN A 152 12.73 9.23 -6.30
C GLN A 152 11.63 9.74 -5.39
N MET A 153 11.84 10.91 -4.77
CA MET A 153 10.80 11.49 -3.92
C MET A 153 9.52 11.73 -4.71
N SER A 154 9.64 12.30 -5.91
CA SER A 154 8.46 12.56 -6.73
CA SER A 154 8.45 12.55 -6.71
C SER A 154 7.73 11.26 -7.07
N TYR A 155 8.49 10.22 -7.44
CA TYR A 155 7.87 8.95 -7.76
C TYR A 155 7.19 8.35 -6.53
N ALA A 156 7.84 8.43 -5.37
CA ALA A 156 7.27 7.85 -4.16
C ALA A 156 5.96 8.53 -3.78
N VAL A 157 5.92 9.86 -3.88
CA VAL A 157 4.70 10.60 -3.59
C VAL A 157 3.59 10.20 -4.55
N SER A 158 3.91 10.14 -5.85
CA SER A 158 2.87 9.85 -6.85
CA SER A 158 2.88 9.85 -6.86
C SER A 158 2.31 8.44 -6.69
N ASP A 159 3.11 7.50 -6.16
CA ASP A 159 2.60 6.15 -5.98
C ASP A 159 1.57 6.05 -4.85
N VAL A 160 1.54 7.00 -3.91
CA VAL A 160 0.63 6.90 -2.78
C VAL A 160 -0.45 7.98 -2.76
N VAL A 161 -0.21 9.14 -3.41
CA VAL A 161 -1.08 10.29 -3.15
C VAL A 161 -2.47 10.12 -3.74
N TYR A 162 -2.65 9.25 -4.73
CA TYR A 162 -3.95 9.08 -5.38
C TYR A 162 -4.74 7.88 -4.86
N LEU A 163 -4.18 7.13 -3.91
CA LEU A 163 -4.79 5.85 -3.54
C LEU A 163 -6.15 6.04 -2.87
N SER A 164 -6.29 7.04 -2.00
CA SER A 164 -7.57 7.24 -1.34
CA SER A 164 -7.57 7.28 -1.33
C SER A 164 -8.66 7.60 -2.34
N GLU A 165 -8.34 8.47 -3.32
CA GLU A 165 -9.32 8.85 -4.34
C GLU A 165 -9.63 7.66 -5.26
N LEU A 166 -8.61 6.90 -5.65
CA LEU A 166 -8.82 5.72 -6.49
C LEU A 166 -9.71 4.72 -5.77
N TYR A 167 -9.42 4.45 -4.50
CA TYR A 167 -10.24 3.54 -3.72
C TYR A 167 -11.69 4.01 -3.64
N SER A 168 -11.90 5.30 -3.35
CA SER A 168 -13.26 5.81 -3.25
C SER A 168 -14.03 5.63 -4.55
N GLN A 169 -13.36 5.86 -5.68
CA GLN A 169 -14.02 5.68 -6.98
C GLN A 169 -14.30 4.21 -7.25
N LEU A 170 -13.33 3.33 -6.99
CA LEU A 170 -13.55 1.90 -7.19
C LEU A 170 -14.61 1.37 -6.23
N ARG A 171 -14.61 1.84 -4.98
CA ARG A 171 -15.64 1.44 -4.04
CA ARG A 171 -15.64 1.44 -4.04
C ARG A 171 -17.03 1.78 -4.55
N ALA A 172 -17.18 2.98 -5.13
CA ALA A 172 -18.47 3.38 -5.67
C ALA A 172 -18.87 2.48 -6.83
N GLN A 173 -17.91 2.12 -7.68
CA GLN A 173 -18.21 1.20 -8.79
C GLN A 173 -18.64 -0.16 -8.26
N CYS A 174 -18.00 -0.63 -7.19
CA CYS A 174 -18.38 -1.90 -6.61
C CYS A 174 -19.80 -1.86 -6.05
N LEU A 175 -20.14 -0.77 -5.36
CA LEU A 175 -21.51 -0.61 -4.88
C LEU A 175 -22.50 -0.59 -6.04
N ASP A 176 -22.17 0.14 -7.12
CA ASP A 176 -23.09 0.23 -8.25
C ASP A 176 -23.35 -1.14 -8.87
N LYS A 177 -22.34 -2.01 -8.89
CA LYS A 177 -22.42 -3.34 -9.48
CA LYS A 177 -22.45 -3.33 -9.48
C LYS A 177 -22.91 -4.39 -8.48
N GLY A 178 -22.98 -4.05 -7.19
CA GLY A 178 -23.39 -5.02 -6.19
C GLY A 178 -22.32 -6.00 -5.78
N VAL A 179 -21.05 -5.60 -5.86
CA VAL A 179 -19.95 -6.49 -5.50
C VAL A 179 -19.11 -5.94 -4.36
N LEU A 180 -19.58 -4.90 -3.66
CA LEU A 180 -18.73 -4.34 -2.60
C LEU A 180 -18.56 -5.32 -1.45
N GLN A 181 -19.62 -6.03 -1.08
CA GLN A 181 -19.48 -7.01 0.00
C GLN A 181 -18.47 -8.10 -0.38
N ALA A 182 -18.46 -8.50 -1.65
CA ALA A 182 -17.46 -9.46 -2.12
C ALA A 182 -16.06 -8.92 -1.95
N VAL A 183 -15.84 -7.68 -2.40
CA VAL A 183 -14.52 -7.06 -2.24
C VAL A 183 -14.13 -6.98 -0.77
N GLU A 184 -15.06 -6.58 0.09
CA GLU A 184 -14.75 -6.49 1.51
C GLU A 184 -14.43 -7.85 2.12
N ASN A 185 -15.05 -8.92 1.61
CA ASN A 185 -14.69 -10.24 2.09
C ASN A 185 -13.27 -10.63 1.68
N ALA A 186 -12.83 -10.19 0.49
CA ALA A 186 -11.44 -10.39 0.13
C ALA A 186 -10.52 -9.61 1.07
N TYR A 187 -10.88 -8.36 1.38
CA TYR A 187 -10.05 -7.54 2.26
C TYR A 187 -9.93 -8.18 3.65
N SER A 188 -11.03 -8.72 4.17
CA SER A 188 -11.03 -9.32 5.50
C SER A 188 -10.17 -10.57 5.57
N PHE A 189 -9.90 -11.21 4.44
CA PHE A 189 -9.03 -12.38 4.41
C PHE A 189 -7.55 -12.00 4.35
N LEU A 190 -7.22 -10.76 4.01
CA LEU A 190 -5.82 -10.39 3.84
C LEU A 190 -4.94 -10.67 5.07
N PRO A 191 -5.36 -10.37 6.31
CA PRO A 191 -4.50 -10.73 7.46
C PRO A 191 -4.30 -12.23 7.59
N VAL A 192 -5.31 -13.02 7.25
CA VAL A 192 -5.16 -14.47 7.30
C VAL A 192 -4.23 -14.94 6.19
N TRP A 193 -4.43 -14.42 4.99
CA TRP A 193 -3.58 -14.74 3.85
C TRP A 193 -2.11 -14.52 4.17
N VAL A 194 -1.77 -13.38 4.78
CA VAL A 194 -0.35 -13.10 4.94
C VAL A 194 0.26 -13.97 6.03
N GLU A 195 -0.51 -14.30 7.07
CA GLU A 195 0.00 -15.22 8.08
C GLU A 195 0.25 -16.59 7.46
N LEU A 196 -0.68 -17.07 6.62
CA LEU A 196 -0.46 -18.32 5.92
C LEU A 196 0.79 -18.26 5.05
N GLN A 197 1.01 -17.13 4.35
CA GLN A 197 2.21 -16.96 3.54
C GLN A 197 3.47 -17.13 4.38
N ARG A 198 3.50 -16.49 5.55
CA ARG A 198 4.68 -16.55 6.41
C ARG A 198 4.93 -17.97 6.91
N ARG A 199 3.87 -18.76 7.06
CA ARG A 199 4.01 -20.12 7.57
C ARG A 199 4.10 -21.16 6.47
N GLY A 200 4.11 -20.73 5.20
CA GLY A 200 4.37 -21.62 4.09
C GLY A 200 3.16 -22.15 3.35
N ILE A 201 1.95 -21.71 3.69
CA ILE A 201 0.77 -22.06 2.91
C ILE A 201 0.59 -20.97 1.86
N GLU A 202 0.88 -21.30 0.61
CA GLU A 202 0.84 -20.30 -0.47
C GLU A 202 -0.57 -20.04 -0.96
N ASP A 203 -1.47 -21.02 -0.85
CA ASP A 203 -2.86 -20.84 -1.26
C ASP A 203 -3.68 -21.86 -0.45
N VAL A 204 -4.37 -21.37 0.58
CA VAL A 204 -5.13 -22.26 1.45
C VAL A 204 -6.30 -22.89 0.71
N PHE A 205 -6.67 -22.35 -0.45
CA PHE A 205 -7.79 -22.90 -1.23
C PHE A 205 -7.36 -23.97 -2.21
N ALA A 206 -6.06 -24.12 -2.44
CA ALA A 206 -5.56 -25.21 -3.25
C ALA A 206 -5.68 -26.53 -2.49
N TYR A 207 -5.64 -27.63 -3.24
CA TYR A 207 -5.65 -28.94 -2.63
C TYR A 207 -4.52 -29.09 -1.60
S SO4 C . 0.08 -7.37 17.98
O1 SO4 C . -0.31 -6.58 19.15
O2 SO4 C . -0.67 -8.62 17.97
O3 SO4 C . -0.23 -6.62 16.78
O4 SO4 C . 1.50 -7.65 18.03
#